data_4ZRS
#
_entry.id   4ZRS
#
_cell.length_a   52.156
_cell.length_b   101.790
_cell.length_c   69.822
_cell.angle_alpha   90.00
_cell.angle_beta   110.62
_cell.angle_gamma   90.00
#
_symmetry.space_group_name_H-M   'P 1 21 1'
#
loop_
_entity.id
_entity.type
_entity.pdbx_description
1 polymer Esterase
2 non-polymer GLYCEROL
3 water water
#
_entity_poly.entity_id   1
_entity_poly.type   'polypeptide(L)'
_entity_poly.pdbx_seq_one_letter_code
;MGHHHHHHENLYFQGHMTPELRAKLESLGRDLTPEMLGGTTQIFAAMATGSDPEVEVTRDLEYGEDPRHRLDLFRKADTR
DAPVLVFVHGGGFVMGDKRLAETPFYDNIGVFAAQQGFVGVTITYRLAPAHQFPSGPEDLAAVVRWLKANVAQYGGDPDK
IVLSGQ(SEB)AGAAHVASYIAHKAHHATEGGGIAGAILMSGIYDTLTATPNEFLIAYYGDDPKGWGPASSMAGLINTEI
PLMLTVSEFDPEDFQRQAAQFVCAWGMAHAAYPEMHYLVGHNHLSPAQSIGTEIKAIGRMVAGFVRRVTR
;
_entity_poly.pdbx_strand_id   A,B
#
loop_
_chem_comp.id
_chem_comp.type
_chem_comp.name
_chem_comp.formula
GOL non-polymer GLYCEROL 'C3 H8 O3'
#
# COMPACT_ATOMS: atom_id res chain seq x y z
N GLY A 15 8.35 -9.80 -3.04
CA GLY A 15 8.07 -11.07 -3.74
C GLY A 15 9.15 -12.17 -3.74
N HIS A 16 9.53 -12.82 -2.62
CA HIS A 16 9.17 -12.38 -1.26
C HIS A 16 10.43 -12.05 -0.41
N MET A 17 10.33 -10.91 0.27
CA MET A 17 11.29 -10.54 1.25
C MET A 17 11.00 -11.29 2.55
N THR A 18 12.05 -11.88 3.12
CA THR A 18 11.97 -12.63 4.36
C THR A 18 11.94 -11.76 5.63
N PRO A 19 11.41 -12.31 6.74
CA PRO A 19 11.61 -11.65 8.02
C PRO A 19 13.08 -11.25 8.29
N GLU A 20 14.01 -12.05 7.81
CA GLU A 20 15.41 -11.88 8.08
C GLU A 20 15.95 -10.63 7.36
N LEU A 21 15.54 -10.43 6.11
CA LEU A 21 16.01 -9.25 5.39
C LEU A 21 15.35 -7.98 6.00
N ARG A 22 14.07 -8.11 6.35
CA ARG A 22 13.35 -7.01 6.99
C ARG A 22 14.07 -6.58 8.28
N ALA A 23 14.49 -7.56 9.06
CA ALA A 23 15.15 -7.34 10.32
C ALA A 23 16.50 -6.64 10.11
N LYS A 24 17.21 -7.00 9.09
CA LYS A 24 18.46 -6.32 8.74
C LYS A 24 18.26 -4.87 8.34
N LEU A 25 17.22 -4.60 7.52
CA LEU A 25 16.98 -3.21 7.13
C LEU A 25 16.51 -2.43 8.34
N GLU A 26 15.70 -3.06 9.17
CA GLU A 26 15.27 -2.33 10.37
C GLU A 26 16.46 -1.92 11.20
N SER A 27 17.42 -2.83 11.35
CA SER A 27 18.56 -2.54 12.22
C SER A 27 19.42 -1.45 11.65
N LEU A 28 19.37 -1.19 10.34
CA LEU A 28 20.15 -0.08 9.78
C LEU A 28 19.52 1.27 10.15
N GLY A 29 18.25 1.25 10.55
CA GLY A 29 17.62 2.44 11.12
C GLY A 29 16.94 3.35 10.11
N ARG A 30 16.18 4.32 10.61
CA ARG A 30 15.47 5.28 9.75
C ARG A 30 16.06 6.70 9.70
N ASP A 31 17.34 6.82 9.97
CA ASP A 31 18.03 8.05 9.66
C ASP A 31 18.83 7.88 8.41
N LEU A 32 18.84 8.95 7.63
CA LEU A 32 19.67 8.94 6.41
C LEU A 32 21.07 9.28 6.87
N THR A 33 21.85 8.22 7.04
CA THR A 33 23.22 8.27 7.40
C THR A 33 23.93 7.41 6.41
N PRO A 34 25.24 7.55 6.36
CA PRO A 34 26.16 6.71 5.62
C PRO A 34 26.12 5.25 5.94
N GLU A 35 26.11 4.86 7.23
CA GLU A 35 25.88 3.47 7.59
C GLU A 35 24.54 2.95 6.95
N MET A 36 23.49 3.67 6.98
CA MET A 36 22.22 3.15 6.43
C MET A 36 22.20 3.05 4.88
N LEU A 37 22.57 4.13 4.20
CA LEU A 37 22.57 4.15 2.75
C LEU A 37 23.53 3.12 2.21
N GLY A 38 24.73 3.14 2.75
CA GLY A 38 25.74 2.27 2.28
C GLY A 38 25.49 0.82 2.57
N GLY A 39 25.01 0.54 3.79
CA GLY A 39 24.69 -0.82 4.15
C GLY A 39 23.57 -1.39 3.25
N THR A 40 22.60 -0.57 2.93
CA THR A 40 21.56 -1.00 2.03
C THR A 40 22.12 -1.37 0.62
N THR A 41 22.90 -0.47 0.06
CA THR A 41 23.40 -0.64 -1.27
C THR A 41 24.26 -1.90 -1.35
N GLN A 42 25.04 -2.15 -0.30
CA GLN A 42 25.86 -3.32 -0.28
C GLN A 42 25.01 -4.60 -0.31
N ILE A 43 23.93 -4.64 0.43
CA ILE A 43 23.06 -5.83 0.45
C ILE A 43 22.48 -6.06 -0.96
N PHE A 44 21.92 -5.01 -1.55
CA PHE A 44 21.17 -5.24 -2.80
C PHE A 44 22.09 -5.35 -3.97
N ALA A 45 23.28 -4.73 -3.90
CA ALA A 45 24.24 -4.80 -5.00
C ALA A 45 24.62 -6.25 -5.31
N ALA A 46 24.62 -7.10 -4.30
CA ALA A 46 24.96 -8.50 -4.52
C ALA A 46 23.78 -9.32 -5.03
N MET A 47 22.59 -8.77 -4.99
CA MET A 47 21.40 -9.50 -5.41
C MET A 47 20.82 -9.08 -6.77
N ALA A 48 21.06 -7.85 -7.24
CA ALA A 48 20.34 -7.34 -8.39
C ALA A 48 21.04 -7.62 -9.70
N THR A 49 20.28 -8.02 -10.69
CA THR A 49 20.80 -8.19 -12.07
C THR A 49 21.06 -6.83 -12.72
N GLY A 50 22.28 -6.62 -13.15
CA GLY A 50 22.68 -5.41 -13.83
C GLY A 50 22.91 -5.50 -15.32
N SER A 51 22.79 -6.71 -15.87
CA SER A 51 22.94 -6.88 -17.31
C SER A 51 22.26 -8.17 -17.79
N ASP A 52 22.01 -8.19 -19.09
CA ASP A 52 21.40 -9.31 -19.73
C ASP A 52 21.87 -9.21 -21.17
N PRO A 53 22.53 -10.27 -21.71
CA PRO A 53 22.97 -10.27 -23.10
C PRO A 53 21.87 -10.01 -24.13
N GLU A 54 20.61 -10.28 -23.81
CA GLU A 54 19.54 -9.97 -24.69
C GLU A 54 19.07 -8.53 -24.59
N VAL A 55 19.62 -7.77 -23.63
CA VAL A 55 19.23 -6.32 -23.48
C VAL A 55 20.36 -5.47 -24.05
N GLU A 56 20.06 -4.78 -25.14
CA GLU A 56 21.00 -3.85 -25.78
C GLU A 56 20.99 -2.49 -25.04
N VAL A 57 22.15 -2.00 -24.74
CA VAL A 57 22.29 -0.78 -23.99
C VAL A 57 22.99 0.22 -24.89
N THR A 58 22.40 1.39 -25.06
CA THR A 58 23.09 2.51 -25.74
C THR A 58 23.40 3.55 -24.67
N ARG A 59 24.67 3.88 -24.50
CA ARG A 59 25.14 4.71 -23.40
C ARG A 59 25.26 6.17 -23.78
N ASP A 60 24.82 7.05 -22.88
CA ASP A 60 25.13 8.46 -22.98
C ASP A 60 24.69 9.17 -24.27
N LEU A 61 23.45 8.93 -24.63
CA LEU A 61 22.75 9.76 -25.57
C LEU A 61 22.58 11.16 -24.96
N GLU A 62 22.73 12.16 -25.78
CA GLU A 62 22.82 13.54 -25.28
C GLU A 62 21.48 14.21 -25.48
N TYR A 63 20.78 14.55 -24.43
CA TYR A 63 19.47 15.16 -24.55
C TYR A 63 19.51 16.67 -24.39
N GLY A 64 20.70 17.19 -24.06
CA GLY A 64 20.93 18.62 -24.00
C GLY A 64 22.42 18.91 -24.05
N GLU A 65 22.78 20.16 -23.86
CA GLU A 65 24.19 20.59 -23.92
C GLU A 65 25.00 20.41 -22.69
N ASP A 66 24.35 20.29 -21.54
CA ASP A 66 25.12 20.16 -20.32
C ASP A 66 25.83 18.82 -20.35
N PRO A 67 27.03 18.73 -19.74
CA PRO A 67 27.71 17.42 -19.70
C PRO A 67 26.91 16.32 -18.99
N ARG A 68 25.93 16.70 -18.13
CA ARG A 68 25.08 15.72 -17.44
C ARG A 68 23.72 15.52 -18.11
N HIS A 69 23.51 16.16 -19.26
CA HIS A 69 22.33 15.87 -20.04
C HIS A 69 22.57 14.58 -20.85
N ARG A 70 22.61 13.45 -20.15
CA ARG A 70 22.82 12.14 -20.74
C ARG A 70 21.77 11.12 -20.33
N LEU A 71 21.49 10.17 -21.21
CA LEU A 71 20.57 9.12 -20.87
C LEU A 71 21.07 7.83 -21.52
N ASP A 72 20.82 6.71 -20.81
CA ASP A 72 21.14 5.35 -21.28
C ASP A 72 19.84 4.71 -21.65
N LEU A 73 19.86 4.02 -22.78
CA LEU A 73 18.65 3.43 -23.29
C LEU A 73 18.80 1.90 -23.37
N PHE A 74 17.76 1.21 -22.89
CA PHE A 74 17.75 -0.23 -22.75
C PHE A 74 16.61 -0.84 -23.59
N ARG A 75 16.91 -1.83 -24.44
CA ARG A 75 15.86 -2.52 -25.19
C ARG A 75 16.24 -3.94 -25.62
N LYS A 76 15.23 -4.74 -25.92
CA LYS A 76 15.47 -6.06 -26.56
C LYS A 76 15.37 -5.88 -28.07
N ALA A 77 15.92 -6.84 -28.84
CA ALA A 77 15.89 -6.76 -30.29
C ALA A 77 14.45 -6.69 -30.79
N ASP A 78 13.56 -7.44 -30.21
CA ASP A 78 12.19 -7.46 -30.70
C ASP A 78 11.29 -6.26 -30.23
N THR A 79 11.78 -5.36 -29.39
CA THR A 79 10.92 -4.34 -28.79
C THR A 79 10.43 -3.32 -29.79
N ARG A 80 9.14 -3.17 -29.88
CA ARG A 80 8.48 -2.27 -30.83
C ARG A 80 7.26 -1.62 -30.22
N ASP A 81 6.96 -0.37 -30.60
CA ASP A 81 5.72 0.29 -30.15
C ASP A 81 5.50 0.17 -28.62
N ALA A 82 6.59 0.22 -27.89
CA ALA A 82 6.55 -0.16 -26.53
C ALA A 82 6.40 1.03 -25.54
N PRO A 83 5.92 0.72 -24.32
CA PRO A 83 5.99 1.71 -23.26
C PRO A 83 7.42 2.07 -22.98
N VAL A 84 7.62 3.29 -22.49
CA VAL A 84 8.96 3.80 -22.21
C VAL A 84 9.03 4.12 -20.74
N LEU A 85 9.91 3.48 -19.98
CA LEU A 85 10.00 3.75 -18.56
C LEU A 85 11.28 4.49 -18.28
N VAL A 86 11.12 5.74 -17.83
CA VAL A 86 12.28 6.58 -17.49
C VAL A 86 12.47 6.50 -15.99
N PHE A 87 13.74 6.36 -15.55
CA PHE A 87 14.12 6.40 -14.13
C PHE A 87 15.09 7.54 -13.81
N VAL A 88 14.71 8.34 -12.83
CA VAL A 88 15.44 9.48 -12.35
C VAL A 88 15.96 9.21 -10.92
N HIS A 89 17.30 9.08 -10.81
CA HIS A 89 17.92 8.71 -9.56
C HIS A 89 17.83 9.81 -8.49
N GLY A 90 18.04 9.40 -7.25
CA GLY A 90 18.10 10.28 -6.08
C GLY A 90 19.51 10.71 -5.74
N GLY A 91 19.74 11.13 -4.52
CA GLY A 91 21.04 11.69 -4.08
C GLY A 91 20.94 13.11 -3.53
N GLY A 92 19.78 13.49 -2.95
CA GLY A 92 19.66 14.77 -2.29
C GLY A 92 19.87 16.01 -3.13
N PHE A 93 19.65 15.86 -4.43
CA PHE A 93 19.81 16.89 -5.46
C PHE A 93 21.26 17.23 -5.87
N VAL A 94 22.24 16.77 -5.08
CA VAL A 94 23.61 17.24 -5.17
C VAL A 94 24.57 16.17 -5.67
N MET A 95 24.11 14.95 -5.74
CA MET A 95 24.98 13.87 -6.18
C MET A 95 24.14 12.73 -6.69
N GLY A 96 24.75 11.59 -6.93
CA GLY A 96 24.11 10.44 -7.56
C GLY A 96 24.38 10.36 -9.07
N ASP A 97 23.95 9.25 -9.64
CA ASP A 97 24.21 8.98 -11.02
C ASP A 97 23.29 7.87 -11.51
N LYS A 98 23.12 7.77 -12.82
CA LYS A 98 22.45 6.62 -13.42
C LYS A 98 23.28 5.32 -13.30
N ARG A 99 24.59 5.47 -13.22
CA ARG A 99 25.53 4.39 -13.04
C ARG A 99 26.32 4.59 -11.77
N LEU A 100 26.29 3.61 -10.90
CA LEU A 100 27.33 3.46 -9.79
C LEU A 100 28.24 2.24 -10.01
N ALA A 101 29.51 2.47 -10.34
CA ALA A 101 30.39 1.44 -10.72
C ALA A 101 30.56 0.45 -9.63
N GLU A 102 30.89 -0.76 -10.04
CA GLU A 102 31.01 -1.91 -9.16
C GLU A 102 29.67 -2.26 -8.49
N THR A 103 28.55 -1.75 -9.04
CA THR A 103 27.18 -2.11 -8.58
C THR A 103 26.31 -2.25 -9.82
N PRO A 104 25.18 -2.93 -9.70
CA PRO A 104 24.26 -2.96 -10.84
C PRO A 104 23.24 -1.79 -10.89
N PHE A 105 23.39 -0.77 -10.04
CA PHE A 105 22.46 0.35 -10.03
C PHE A 105 22.92 1.51 -10.89
N TYR A 106 22.03 2.07 -11.71
CA TYR A 106 20.64 1.69 -11.91
C TYR A 106 20.35 0.99 -13.22
N ASP A 107 21.40 0.38 -13.79
CA ASP A 107 21.17 -0.55 -14.89
C ASP A 107 20.11 -1.60 -14.56
N ASN A 108 20.02 -2.00 -13.30
CA ASN A 108 19.00 -2.92 -12.91
C ASN A 108 17.60 -2.55 -13.40
N ILE A 109 17.28 -1.26 -13.29
CA ILE A 109 15.95 -0.79 -13.62
C ILE A 109 15.84 -0.78 -15.11
N GLY A 110 16.86 -0.30 -15.79
CA GLY A 110 16.86 -0.28 -17.28
C GLY A 110 16.67 -1.69 -17.89
N VAL A 111 17.46 -2.65 -17.37
CA VAL A 111 17.44 -4.05 -17.81
C VAL A 111 16.09 -4.70 -17.48
N PHE A 112 15.59 -4.46 -16.26
CA PHE A 112 14.27 -4.92 -15.89
C PHE A 112 13.20 -4.40 -16.86
N ALA A 113 13.20 -3.09 -17.11
CA ALA A 113 12.26 -2.53 -18.05
C ALA A 113 12.29 -3.20 -19.41
N ALA A 114 13.47 -3.36 -19.96
CA ALA A 114 13.65 -4.03 -21.24
C ALA A 114 13.12 -5.45 -21.21
N GLN A 115 13.43 -6.19 -20.15
CA GLN A 115 12.94 -7.56 -20.03
C GLN A 115 11.43 -7.62 -19.98
N GLN A 116 10.81 -6.57 -19.45
CA GLN A 116 9.36 -6.55 -19.30
C GLN A 116 8.66 -6.13 -20.60
N GLY A 117 9.41 -5.85 -21.65
CA GLY A 117 8.80 -5.42 -22.89
C GLY A 117 8.74 -3.88 -23.08
N PHE A 118 9.45 -3.12 -22.25
CA PHE A 118 9.44 -1.69 -22.36
C PHE A 118 10.74 -1.23 -23.00
N VAL A 119 10.82 0.03 -23.35
CA VAL A 119 12.13 0.66 -23.51
C VAL A 119 12.52 1.28 -22.17
N GLY A 120 13.68 0.92 -21.66
CA GLY A 120 14.15 1.51 -20.41
C GLY A 120 15.09 2.68 -20.64
N VAL A 121 14.95 3.68 -19.77
CA VAL A 121 15.75 4.88 -19.87
C VAL A 121 16.15 5.32 -18.49
N THR A 122 17.46 5.48 -18.26
CA THR A 122 18.00 6.05 -17.04
C THR A 122 18.73 7.35 -17.43
N ILE A 123 18.66 8.40 -16.60
CA ILE A 123 19.22 9.74 -16.96
C ILE A 123 20.10 10.25 -15.83
N THR A 124 20.97 11.19 -16.17
CA THR A 124 21.56 12.11 -15.20
C THR A 124 20.95 13.48 -15.54
N TYR A 125 21.19 14.43 -14.67
CA TYR A 125 20.60 15.76 -14.76
C TYR A 125 21.54 16.70 -14.02
N ARG A 126 21.42 17.98 -14.28
CA ARG A 126 22.26 18.97 -13.62
C ARG A 126 22.06 18.96 -12.10
N LEU A 127 23.16 19.12 -11.38
CA LEU A 127 23.18 18.99 -9.89
C LEU A 127 23.22 20.30 -9.13
N ALA A 128 22.56 20.31 -7.97
CA ALA A 128 22.68 21.42 -7.04
C ALA A 128 24.01 21.31 -6.27
N PRO A 129 24.53 22.45 -5.75
CA PRO A 129 23.97 23.78 -5.74
C PRO A 129 24.32 24.63 -6.97
N ALA A 130 25.15 24.12 -7.85
CA ALA A 130 25.52 24.87 -9.07
C ALA A 130 24.27 25.20 -9.87
N HIS A 131 23.32 24.24 -9.94
CA HIS A 131 22.10 24.39 -10.66
C HIS A 131 20.96 24.16 -9.71
N GLN A 132 20.08 25.15 -9.60
CA GLN A 132 19.06 25.16 -8.60
C GLN A 132 17.69 25.15 -9.28
N PHE A 133 16.63 24.94 -8.51
CA PHE A 133 15.28 24.99 -9.06
C PHE A 133 15.12 26.20 -9.98
N PRO A 134 14.47 26.06 -11.16
CA PRO A 134 13.78 24.89 -11.73
C PRO A 134 14.63 24.04 -12.70
N SER A 135 15.95 23.93 -12.48
CA SER A 135 16.79 23.09 -13.31
C SER A 135 16.23 21.67 -13.47
N GLY A 136 15.70 21.08 -12.41
CA GLY A 136 15.14 19.75 -12.45
C GLY A 136 14.01 19.54 -13.47
N PRO A 137 12.90 20.30 -13.34
CA PRO A 137 11.86 20.12 -14.34
C PRO A 137 12.28 20.56 -15.79
N GLU A 138 13.24 21.48 -15.87
CA GLU A 138 13.81 21.85 -17.19
C GLU A 138 14.49 20.63 -17.82
N ASP A 139 15.27 19.92 -17.02
CA ASP A 139 15.99 18.80 -17.53
C ASP A 139 14.98 17.70 -17.89
N LEU A 140 13.92 17.48 -17.09
CA LEU A 140 12.99 16.44 -17.42
C LEU A 140 12.24 16.79 -18.69
N ALA A 141 11.90 18.07 -18.86
CA ALA A 141 11.29 18.50 -20.07
C ALA A 141 12.18 18.16 -21.28
N ALA A 142 13.49 18.33 -21.15
CA ALA A 142 14.41 18.08 -22.24
C ALA A 142 14.48 16.60 -22.57
N VAL A 143 14.43 15.77 -21.52
CA VAL A 143 14.33 14.32 -21.70
C VAL A 143 13.06 13.94 -22.47
N VAL A 144 11.90 14.49 -22.04
CA VAL A 144 10.63 14.15 -22.67
C VAL A 144 10.69 14.53 -24.14
N ARG A 145 11.20 15.72 -24.40
CA ARG A 145 11.37 16.23 -25.75
C ARG A 145 12.22 15.28 -26.60
N TRP A 146 13.34 14.84 -26.06
CA TRP A 146 14.24 13.96 -26.74
C TRP A 146 13.53 12.65 -27.10
N LEU A 147 12.81 12.10 -26.14
CA LEU A 147 12.07 10.89 -26.34
C LEU A 147 11.02 11.08 -27.42
N LYS A 148 10.28 12.17 -27.34
CA LYS A 148 9.26 12.40 -28.35
C LYS A 148 9.87 12.34 -29.78
N ALA A 149 11.02 12.94 -29.96
CA ALA A 149 11.65 13.05 -31.25
C ALA A 149 12.39 11.79 -31.67
N ASN A 150 12.91 10.99 -30.73
CA ASN A 150 13.84 9.90 -31.04
C ASN A 150 13.48 8.46 -30.61
N VAL A 151 12.62 8.29 -29.62
CA VAL A 151 12.48 6.96 -29.02
C VAL A 151 11.81 5.92 -29.95
N ALA A 152 11.05 6.38 -30.93
CA ALA A 152 10.49 5.49 -31.97
C ALA A 152 11.57 4.69 -32.65
N GLN A 153 12.72 5.30 -32.84
CA GLN A 153 13.86 4.58 -33.44
C GLN A 153 14.38 3.42 -32.64
N TYR A 154 14.06 3.39 -31.35
CA TYR A 154 14.51 2.33 -30.41
C TYR A 154 13.38 1.42 -29.98
N GLY A 155 12.26 1.51 -30.67
CA GLY A 155 11.16 0.63 -30.39
C GLY A 155 10.17 1.14 -29.37
N GLY A 156 10.31 2.43 -29.01
CA GLY A 156 9.34 3.02 -28.09
C GLY A 156 8.19 3.76 -28.76
N ASP A 157 7.04 3.77 -28.10
CA ASP A 157 5.95 4.64 -28.47
C ASP A 157 6.08 5.94 -27.68
N PRO A 158 6.27 7.06 -28.39
CA PRO A 158 6.44 8.33 -27.70
C PRO A 158 5.22 8.85 -26.93
N ASP A 159 4.05 8.23 -27.09
CA ASP A 159 2.87 8.58 -26.31
C ASP A 159 2.63 7.61 -25.13
N LYS A 160 3.62 6.80 -24.82
CA LYS A 160 3.48 5.84 -23.68
C LYS A 160 4.68 6.00 -22.75
N ILE A 161 5.08 7.24 -22.49
CA ILE A 161 6.17 7.55 -21.61
C ILE A 161 5.70 7.60 -20.13
N VAL A 162 6.38 6.86 -19.30
CA VAL A 162 6.13 6.87 -17.85
C VAL A 162 7.40 7.37 -17.14
N LEU A 163 7.24 8.42 -16.32
CA LEU A 163 8.39 8.95 -15.59
C LEU A 163 8.43 8.40 -14.17
N SER A 164 9.54 7.75 -13.78
CA SER A 164 9.71 7.27 -12.40
C SER A 164 10.92 7.94 -11.76
N GLY A 165 10.89 8.12 -10.46
CA GLY A 165 12.05 8.65 -9.74
C GLY A 165 12.04 8.33 -8.28
N GLN A 166 13.19 8.42 -7.67
CA GLN A 166 13.37 8.10 -6.27
C GLN A 166 13.98 9.30 -5.49
C SEB A 167 13.92 11.98 -4.33
N SEB A 167 13.44 9.56 -4.33
CI2 SEB A 167 21.35 11.14 -0.10
CH2 SEB A 167 20.08 10.68 -0.45
CJ SEB A 167 21.46 12.32 0.61
CI1 SEB A 167 20.32 12.98 1.07
CH1 SEB A 167 19.06 12.51 0.75
CZ SEB A 167 18.93 11.34 -0.02
CE SEB A 167 17.57 10.80 -0.48
OD2 SEB A 167 17.43 12.01 -2.75
OD1 SEB A 167 16.58 13.10 -0.69
SD SEB A 167 16.75 11.88 -1.43
OG SEB A 167 15.33 11.30 -1.76
CB SEB A 167 15.17 10.31 -2.78
CA SEB A 167 13.88 10.70 -3.52
O SEB A 167 12.92 12.43 -4.84
N ALA A 168 15.09 12.59 -4.48
CA ALA A 168 15.20 13.84 -5.20
C ALA A 168 14.77 13.68 -6.65
N GLY A 169 15.00 12.50 -7.21
CA GLY A 169 14.54 12.23 -8.53
C GLY A 169 13.02 12.27 -8.59
N ALA A 170 12.33 11.82 -7.53
CA ALA A 170 10.88 11.84 -7.51
C ALA A 170 10.41 13.31 -7.34
N ALA A 171 11.19 14.13 -6.61
CA ALA A 171 10.89 15.52 -6.49
C ALA A 171 10.93 16.15 -7.85
N HIS A 172 11.92 15.74 -8.67
CA HIS A 172 12.05 16.34 -9.99
C HIS A 172 10.87 15.92 -10.90
N VAL A 173 10.51 14.63 -10.85
CA VAL A 173 9.34 14.17 -11.63
C VAL A 173 8.10 14.94 -11.20
N ALA A 174 7.87 15.01 -9.91
CA ALA A 174 6.73 15.78 -9.35
C ALA A 174 6.71 17.24 -9.79
N SER A 175 7.89 17.88 -9.84
CA SER A 175 7.96 19.26 -10.27
C SER A 175 7.61 19.44 -11.75
N TYR A 176 7.96 18.45 -12.57
CA TYR A 176 7.64 18.47 -13.97
C TYR A 176 6.09 18.40 -14.13
N ILE A 177 5.49 17.48 -13.40
CA ILE A 177 4.07 17.29 -13.38
C ILE A 177 3.31 18.57 -12.95
N ALA A 178 3.76 19.15 -11.87
CA ALA A 178 3.08 20.24 -11.21
C ALA A 178 3.12 21.58 -11.92
N HIS A 179 4.17 21.84 -12.69
CA HIS A 179 4.44 23.18 -13.21
C HIS A 179 4.37 23.14 -14.73
N LYS A 180 3.22 23.49 -15.26
CA LYS A 180 2.92 23.37 -16.67
C LYS A 180 3.87 24.25 -17.51
N ALA A 181 4.45 25.29 -16.93
CA ALA A 181 5.52 26.05 -17.61
C ALA A 181 6.64 25.18 -18.10
N HIS A 182 6.84 24.00 -17.55
CA HIS A 182 7.92 23.14 -18.06
C HIS A 182 7.44 21.98 -18.87
N HIS A 183 6.15 21.91 -19.15
CA HIS A 183 5.66 20.81 -19.92
C HIS A 183 6.24 20.85 -21.33
N ALA A 184 6.68 19.68 -21.80
CA ALA A 184 7.21 19.57 -23.18
C ALA A 184 6.11 19.71 -24.23
N THR A 185 4.91 19.22 -23.95
CA THR A 185 3.78 19.33 -24.84
C THR A 185 2.59 19.58 -23.99
N GLU A 186 1.52 19.98 -24.62
CA GLU A 186 0.29 20.32 -23.93
C GLU A 186 -0.22 19.15 -23.05
N GLY A 187 -0.54 19.40 -21.79
CA GLY A 187 -0.89 18.34 -20.83
C GLY A 187 0.27 17.56 -20.21
N GLY A 188 1.50 17.77 -20.72
CA GLY A 188 2.71 17.13 -20.14
C GLY A 188 3.35 16.07 -21.04
N GLY A 189 2.56 15.47 -21.89
CA GLY A 189 3.10 14.51 -22.83
C GLY A 189 3.52 13.14 -22.25
N ILE A 190 3.11 12.86 -21.01
CA ILE A 190 3.44 11.60 -20.35
C ILE A 190 2.15 10.82 -19.93
N ALA A 191 2.23 9.51 -19.90
CA ALA A 191 1.10 8.66 -19.64
C ALA A 191 0.94 8.39 -18.13
N GLY A 192 1.99 8.63 -17.35
CA GLY A 192 1.91 8.39 -15.91
C GLY A 192 3.23 8.65 -15.23
N ALA A 193 3.25 8.60 -13.90
CA ALA A 193 4.45 8.83 -13.15
C ALA A 193 4.44 7.98 -11.87
N ILE A 194 5.66 7.61 -11.43
CA ILE A 194 5.94 6.84 -10.26
C ILE A 194 6.90 7.60 -9.37
N LEU A 195 6.47 7.88 -8.15
CA LEU A 195 7.17 8.73 -7.23
C LEU A 195 7.49 7.93 -5.96
N MET A 196 8.74 7.49 -5.84
CA MET A 196 9.15 6.64 -4.77
C MET A 196 9.86 7.52 -3.71
N SER A 197 9.22 7.59 -2.55
CA SER A 197 9.76 8.38 -1.39
C SER A 197 10.32 9.76 -1.76
N GLY A 198 9.49 10.58 -2.38
CA GLY A 198 9.82 11.91 -2.70
C GLY A 198 9.47 12.94 -1.64
N ILE A 199 9.88 14.17 -1.92
CA ILE A 199 9.54 15.36 -1.16
C ILE A 199 8.70 16.19 -2.09
N TYR A 200 7.46 16.48 -1.72
CA TYR A 200 6.50 17.11 -2.63
C TYR A 200 6.09 18.56 -2.25
N ASP A 201 6.16 18.92 -0.98
CA ASP A 201 5.73 20.24 -0.53
C ASP A 201 6.85 20.90 0.18
N THR A 202 7.49 21.85 -0.50
CA THR A 202 8.63 22.57 0.05
C THR A 202 8.25 23.44 1.25
N LEU A 203 6.99 23.71 1.44
CA LEU A 203 6.58 24.59 2.57
C LEU A 203 6.45 23.82 3.83
N THR A 204 6.15 22.54 3.79
CA THR A 204 6.03 21.74 5.02
C THR A 204 7.29 20.88 5.25
N ALA A 205 8.15 20.80 4.25
CA ALA A 205 9.41 20.05 4.36
C ALA A 205 10.30 20.62 5.45
N THR A 206 10.98 19.75 6.17
CA THR A 206 11.98 20.16 7.18
C THR A 206 13.19 20.62 6.43
N PRO A 207 13.61 21.87 6.65
CA PRO A 207 14.74 22.38 5.87
C PRO A 207 16.01 21.68 6.27
N ASN A 208 16.87 21.48 5.29
CA ASN A 208 18.16 20.85 5.54
C ASN A 208 19.17 21.31 4.43
N GLU A 209 20.43 20.95 4.56
CA GLU A 209 21.48 21.39 3.64
C GLU A 209 21.20 20.98 2.19
N PHE A 210 20.56 19.84 1.98
CA PHE A 210 20.29 19.33 0.63
C PHE A 210 19.24 20.15 -0.04
N LEU A 211 18.17 20.44 0.71
CA LEU A 211 17.08 21.25 0.19
C LEU A 211 17.55 22.67 -0.09
N ILE A 212 18.41 23.15 0.80
CA ILE A 212 18.98 24.47 0.66
C ILE A 212 19.82 24.54 -0.60
N ALA A 213 20.60 23.50 -0.87
CA ALA A 213 21.40 23.47 -2.08
C ALA A 213 20.56 23.65 -3.32
N TYR A 214 19.41 23.01 -3.38
CA TYR A 214 18.59 23.04 -4.60
C TYR A 214 17.53 24.14 -4.61
N TYR A 215 16.82 24.38 -3.52
CA TYR A 215 15.76 25.36 -3.58
C TYR A 215 16.19 26.75 -3.14
N GLY A 216 17.42 26.87 -2.63
CA GLY A 216 17.94 28.18 -2.27
C GLY A 216 18.04 28.40 -0.77
N ASP A 217 18.93 29.33 -0.41
CA ASP A 217 19.35 29.58 0.99
C ASP A 217 18.20 29.82 1.98
N ASP A 218 17.17 30.56 1.54
CA ASP A 218 16.06 30.97 2.41
C ASP A 218 14.78 30.16 2.24
N PRO A 219 14.47 29.30 3.22
CA PRO A 219 13.32 28.41 3.07
C PRO A 219 12.02 29.15 2.95
N LYS A 220 11.97 30.39 3.42
CA LYS A 220 10.76 31.21 3.29
C LYS A 220 10.45 31.60 1.86
N GLY A 221 11.41 31.41 0.95
CA GLY A 221 11.17 31.65 -0.51
C GLY A 221 10.89 30.40 -1.34
N TRP A 222 10.69 29.27 -0.68
CA TRP A 222 10.55 27.97 -1.37
C TRP A 222 9.16 27.67 -1.87
N GLY A 223 8.20 28.54 -1.55
CA GLY A 223 6.83 28.30 -1.88
C GLY A 223 6.50 28.06 -3.35
N PRO A 224 6.97 28.94 -4.25
CA PRO A 224 6.63 28.73 -5.67
C PRO A 224 7.22 27.40 -6.23
N ALA A 225 8.19 26.82 -5.56
CA ALA A 225 8.73 25.52 -5.99
C ALA A 225 7.95 24.29 -5.44
N SER A 226 6.92 24.51 -4.65
CA SER A 226 6.15 23.41 -4.12
C SER A 226 5.44 22.66 -5.25
N SER A 227 5.40 21.34 -5.20
CA SER A 227 4.74 20.54 -6.24
C SER A 227 3.36 20.09 -5.82
N MET A 228 3.07 20.22 -4.52
CA MET A 228 1.94 19.51 -3.90
C MET A 228 0.61 19.85 -4.54
N ALA A 229 0.30 21.13 -4.67
CA ALA A 229 -0.94 21.54 -5.30
C ALA A 229 -1.03 21.04 -6.74
N GLY A 230 0.04 21.12 -7.49
CA GLY A 230 0.03 20.64 -8.86
C GLY A 230 -0.16 19.12 -8.97
N LEU A 231 0.38 18.37 -8.02
CA LEU A 231 0.18 16.93 -7.98
C LEU A 231 -1.27 16.62 -7.66
N ILE A 232 -1.83 17.37 -6.72
CA ILE A 232 -3.21 17.13 -6.36
C ILE A 232 -4.14 17.43 -7.55
N ASN A 233 -3.78 18.42 -8.36
CA ASN A 233 -4.65 18.85 -9.47
C ASN A 233 -4.41 18.16 -10.81
N THR A 234 -3.36 17.32 -10.92
CA THR A 234 -3.00 16.78 -12.18
C THR A 234 -3.97 15.70 -12.61
N GLU A 235 -4.08 15.52 -13.92
CA GLU A 235 -4.82 14.41 -14.52
C GLU A 235 -3.90 13.30 -14.90
N ILE A 236 -2.58 13.50 -14.76
CA ILE A 236 -1.60 12.43 -15.05
C ILE A 236 -1.73 11.37 -13.97
N PRO A 237 -1.92 10.11 -14.35
CA PRO A 237 -2.04 9.05 -13.37
C PRO A 237 -0.75 8.96 -12.55
N LEU A 238 -0.88 8.84 -11.24
CA LEU A 238 0.26 8.78 -10.32
C LEU A 238 0.26 7.48 -9.51
N MET A 239 1.44 6.89 -9.37
CA MET A 239 1.66 5.84 -8.43
C MET A 239 2.75 6.37 -7.49
N LEU A 240 2.54 6.23 -6.19
CA LEU A 240 3.54 6.70 -5.23
C LEU A 240 3.85 5.59 -4.26
N THR A 241 5.01 5.67 -3.62
CA THR A 241 5.37 4.70 -2.59
C THR A 241 6.01 5.39 -1.40
N VAL A 242 5.80 4.77 -0.23
CA VAL A 242 6.49 5.12 1.04
C VAL A 242 6.93 3.82 1.69
N SER A 243 8.08 3.83 2.34
CA SER A 243 8.67 2.65 2.87
C SER A 243 8.43 2.58 4.38
N GLU A 244 8.31 1.35 4.88
CA GLU A 244 8.16 1.17 6.32
C GLU A 244 9.26 1.86 7.12
N PHE A 245 10.50 1.77 6.69
CA PHE A 245 11.62 2.40 7.44
C PHE A 245 12.16 3.66 6.79
N ASP A 246 11.33 4.34 6.01
CA ASP A 246 11.65 5.66 5.46
C ASP A 246 11.93 6.62 6.59
N PRO A 247 12.86 7.56 6.39
CA PRO A 247 13.01 8.58 7.43
C PRO A 247 11.75 9.39 7.62
N GLU A 248 11.69 10.06 8.74
CA GLU A 248 10.55 10.79 9.14
C GLU A 248 9.92 11.72 8.09
N ASP A 249 10.72 12.57 7.47
CA ASP A 249 10.16 13.57 6.57
C ASP A 249 9.56 12.99 5.32
N PHE A 250 10.14 11.88 4.83
CA PHE A 250 9.56 11.15 3.71
C PHE A 250 8.23 10.53 4.09
N GLN A 251 8.11 9.99 5.30
CA GLN A 251 6.85 9.51 5.76
C GLN A 251 5.80 10.63 5.94
N ARG A 252 6.20 11.76 6.53
CA ARG A 252 5.29 12.90 6.63
C ARG A 252 4.79 13.39 5.30
N GLN A 253 5.72 13.50 4.34
CA GLN A 253 5.34 14.04 3.05
C GLN A 253 4.32 13.13 2.40
N ALA A 254 4.54 11.79 2.50
CA ALA A 254 3.62 10.83 1.94
C ALA A 254 2.24 10.96 2.58
N ALA A 255 2.18 11.01 3.91
CA ALA A 255 0.95 11.14 4.61
C ALA A 255 0.21 12.47 4.26
N GLN A 256 0.98 13.53 4.10
CA GLN A 256 0.39 14.82 3.72
C GLN A 256 -0.25 14.76 2.34
N PHE A 257 0.43 14.06 1.44
CA PHE A 257 -0.10 13.89 0.09
C PHE A 257 -1.45 13.17 0.14
N VAL A 258 -1.51 12.08 0.92
CA VAL A 258 -2.72 11.27 1.01
C VAL A 258 -3.86 12.11 1.61
N CYS A 259 -3.51 12.86 2.64
CA CYS A 259 -4.45 13.79 3.26
C CYS A 259 -5.06 14.83 2.28
N ALA A 260 -4.19 15.55 1.58
CA ALA A 260 -4.60 16.56 0.62
C ALA A 260 -5.38 15.98 -0.54
N TRP A 261 -5.01 14.79 -1.00
CA TRP A 261 -5.70 14.11 -2.08
C TRP A 261 -7.07 13.75 -1.61
N GLY A 262 -7.15 13.14 -0.45
CA GLY A 262 -8.43 12.76 0.09
C GLY A 262 -9.35 13.97 0.31
N MET A 263 -8.83 15.06 0.84
CA MET A 263 -9.60 16.27 0.96
C MET A 263 -10.07 16.84 -0.39
N ALA A 264 -9.28 16.74 -1.44
CA ALA A 264 -9.62 17.40 -2.70
C ALA A 264 -10.60 16.56 -3.48
N HIS A 265 -10.45 15.24 -3.39
CA HIS A 265 -11.15 14.35 -4.30
C HIS A 265 -12.11 13.37 -3.64
N ALA A 266 -12.20 13.35 -2.30
CA ALA A 266 -13.01 12.37 -1.62
C ALA A 266 -12.65 10.96 -2.14
N ALA A 267 -11.34 10.71 -2.20
CA ALA A 267 -10.84 9.49 -2.74
C ALA A 267 -9.45 9.25 -2.17
N TYR A 268 -9.00 8.02 -2.35
CA TYR A 268 -7.70 7.56 -1.82
C TYR A 268 -6.77 7.33 -3.02
N PRO A 269 -5.61 8.00 -3.03
CA PRO A 269 -4.69 7.91 -4.18
C PRO A 269 -3.86 6.65 -4.16
N GLU A 270 -3.26 6.31 -5.29
CA GLU A 270 -2.45 5.12 -5.34
C GLU A 270 -1.09 5.34 -4.62
N MET A 271 -1.13 5.34 -3.29
CA MET A 271 0.06 5.41 -2.45
C MET A 271 0.27 4.03 -1.84
N HIS A 272 1.39 3.40 -2.15
CA HIS A 272 1.74 2.05 -1.68
C HIS A 272 2.67 2.11 -0.48
N TYR A 273 2.30 1.38 0.57
CA TYR A 273 3.13 1.18 1.74
C TYR A 273 3.97 -0.08 1.61
N LEU A 274 5.28 0.07 1.67
CA LEU A 274 6.17 -1.00 1.37
C LEU A 274 6.74 -1.61 2.67
N VAL A 275 6.14 -2.71 3.09
CA VAL A 275 6.51 -3.41 4.32
C VAL A 275 7.91 -3.94 4.17
N GLY A 276 8.75 -3.70 5.16
CA GLY A 276 10.06 -4.29 5.18
C GLY A 276 11.13 -3.47 4.48
N HIS A 277 10.71 -2.48 3.67
CA HIS A 277 11.64 -1.71 2.90
C HIS A 277 12.12 -0.44 3.64
N ASN A 278 13.26 0.08 3.21
CA ASN A 278 13.70 1.36 3.73
C ASN A 278 13.79 2.37 2.60
N HIS A 279 14.55 3.45 2.79
CA HIS A 279 14.55 4.49 1.77
C HIS A 279 15.07 4.05 0.40
N LEU A 280 16.12 3.26 0.38
CA LEU A 280 16.79 2.85 -0.88
C LEU A 280 16.36 1.51 -1.40
N SER A 281 15.86 0.64 -0.54
CA SER A 281 15.64 -0.73 -0.94
C SER A 281 14.62 -0.98 -2.08
N PRO A 282 13.60 -0.17 -2.19
CA PRO A 282 12.59 -0.49 -3.25
C PRO A 282 13.14 -0.53 -4.64
N ALA A 283 13.82 0.54 -5.02
CA ALA A 283 14.37 0.60 -6.36
C ALA A 283 15.55 -0.38 -6.53
N GLN A 284 16.31 -0.59 -5.46
CA GLN A 284 17.43 -1.47 -5.50
C GLN A 284 16.98 -2.93 -5.53
N SER A 285 15.75 -3.23 -5.13
CA SER A 285 15.22 -4.58 -5.17
C SER A 285 14.76 -5.00 -6.58
N ILE A 286 14.66 -4.06 -7.50
CA ILE A 286 14.17 -4.37 -8.84
C ILE A 286 15.28 -5.15 -9.55
N GLY A 287 14.95 -6.29 -10.15
CA GLY A 287 15.97 -7.15 -10.69
C GLY A 287 16.55 -8.14 -9.72
N THR A 288 16.08 -8.14 -8.49
CA THR A 288 16.42 -9.18 -7.54
C THR A 288 15.36 -10.28 -7.47
N GLU A 289 15.63 -11.30 -6.65
CA GLU A 289 14.62 -12.34 -6.38
C GLU A 289 13.39 -11.81 -5.66
N ILE A 290 13.51 -10.64 -5.06
CA ILE A 290 12.38 -9.92 -4.50
C ILE A 290 11.64 -9.22 -5.64
N LYS A 291 10.53 -9.79 -6.03
CA LYS A 291 9.81 -9.38 -7.21
C LYS A 291 8.75 -8.29 -7.04
N ALA A 292 8.35 -7.96 -5.81
CA ALA A 292 7.11 -7.24 -5.60
C ALA A 292 7.22 -5.85 -6.21
N ILE A 293 8.37 -5.19 -6.02
CA ILE A 293 8.46 -3.78 -6.43
C ILE A 293 8.49 -3.68 -7.99
N GLY A 294 9.31 -4.54 -8.61
CA GLY A 294 9.36 -4.67 -10.06
C GLY A 294 7.96 -4.89 -10.64
N ARG A 295 7.24 -5.79 -10.02
CA ARG A 295 5.88 -6.14 -10.50
C ARG A 295 4.92 -5.00 -10.39
N MET A 296 4.98 -4.27 -9.29
CA MET A 296 4.13 -3.14 -9.07
C MET A 296 4.40 -2.06 -10.16
N VAL A 297 5.68 -1.76 -10.38
CA VAL A 297 6.11 -0.83 -11.37
C VAL A 297 5.63 -1.24 -12.77
N ALA A 298 5.94 -2.45 -13.17
CA ALA A 298 5.57 -2.95 -14.46
C ALA A 298 4.04 -2.98 -14.68
N GLY A 299 3.29 -3.42 -13.66
CA GLY A 299 1.87 -3.45 -13.70
C GLY A 299 1.27 -2.05 -13.92
N PHE A 300 1.81 -1.05 -13.23
CA PHE A 300 1.37 0.31 -13.43
C PHE A 300 1.69 0.80 -14.86
N VAL A 301 2.91 0.60 -15.32
CA VAL A 301 3.24 1.01 -16.67
C VAL A 301 2.16 0.51 -17.68
N ARG A 302 1.88 -0.79 -17.61
CA ARG A 302 0.92 -1.43 -18.54
C ARG A 302 -0.48 -0.85 -18.34
N ARG A 303 -0.88 -0.53 -17.09
CA ARG A 303 -2.21 0.04 -16.88
C ARG A 303 -2.39 1.39 -17.52
N VAL A 304 -1.38 2.21 -17.46
CA VAL A 304 -1.57 3.58 -17.91
C VAL A 304 -1.18 3.73 -19.38
N THR A 305 -0.66 2.69 -20.01
CA THR A 305 -0.28 2.75 -21.41
C THR A 305 -1.12 1.88 -22.36
N ARG A 306 -2.25 1.34 -21.90
CA ARG A 306 -3.05 0.31 -22.62
C ARG A 306 -3.92 0.90 -23.73
N GLY B 15 -1.97 -11.26 -6.51
CA GLY B 15 -0.92 -12.36 -6.45
C GLY B 15 -1.03 -13.59 -7.38
N HIS B 16 -1.19 -13.45 -8.69
CA HIS B 16 -1.32 -12.14 -9.31
C HIS B 16 -2.66 -12.11 -10.02
N MET B 17 -3.35 -11.01 -9.72
CA MET B 17 -4.64 -10.62 -10.24
C MET B 17 -4.39 -10.05 -11.64
N THR B 18 -5.12 -10.53 -12.66
CA THR B 18 -4.86 -10.14 -14.03
C THR B 18 -5.51 -8.82 -14.41
N PRO B 19 -5.03 -8.17 -15.49
CA PRO B 19 -5.75 -6.99 -15.93
C PRO B 19 -7.23 -7.30 -16.22
N GLU B 20 -7.52 -8.51 -16.63
CA GLU B 20 -8.86 -8.89 -17.00
C GLU B 20 -9.79 -8.95 -15.74
N LEU B 21 -9.27 -9.47 -14.64
CA LEU B 21 -10.05 -9.55 -13.41
C LEU B 21 -10.27 -8.12 -12.89
N ARG B 22 -9.21 -7.29 -12.93
CA ARG B 22 -9.32 -5.88 -12.55
C ARG B 22 -10.42 -5.21 -13.33
N ALA B 23 -10.45 -5.49 -14.62
CA ALA B 23 -11.48 -4.87 -15.47
C ALA B 23 -12.91 -5.37 -15.12
N LYS B 24 -13.10 -6.66 -14.73
CA LYS B 24 -14.46 -7.10 -14.25
C LYS B 24 -14.85 -6.34 -13.05
N LEU B 25 -13.93 -6.25 -12.08
CA LEU B 25 -14.26 -5.55 -10.86
C LEU B 25 -14.51 -4.05 -11.10
N GLU B 26 -13.71 -3.41 -11.93
CA GLU B 26 -13.94 -2.00 -12.29
C GLU B 26 -15.33 -1.84 -12.87
N SER B 27 -15.72 -2.76 -13.73
CA SER B 27 -17.04 -2.62 -14.35
C SER B 27 -18.17 -2.81 -13.41
N LEU B 28 -18.00 -3.48 -12.28
CA LEU B 28 -19.07 -3.60 -11.32
C LEU B 28 -19.30 -2.28 -10.55
N GLY B 29 -18.34 -1.38 -10.59
CA GLY B 29 -18.50 -0.08 -9.98
C GLY B 29 -18.10 0.05 -8.53
N ARG B 30 -18.13 1.29 -8.10
CA ARG B 30 -17.80 1.74 -6.75
C ARG B 30 -19.03 2.15 -5.91
N ASP B 31 -20.22 1.74 -6.30
CA ASP B 31 -21.38 2.00 -5.49
C ASP B 31 -21.61 0.70 -4.80
N LEU B 32 -22.02 0.74 -3.54
CA LEU B 32 -22.36 -0.48 -2.87
C LEU B 32 -23.82 -0.81 -3.29
N THR B 33 -23.91 -1.67 -4.26
CA THR B 33 -25.14 -2.07 -4.83
C THR B 33 -25.18 -3.54 -4.77
N PRO B 34 -26.41 -4.10 -4.98
CA PRO B 34 -26.48 -5.55 -5.02
C PRO B 34 -25.71 -6.15 -6.12
N GLU B 35 -25.83 -5.60 -7.29
CA GLU B 35 -25.08 -6.10 -8.42
C GLU B 35 -23.55 -6.12 -8.16
N MET B 36 -23.02 -5.09 -7.52
CA MET B 36 -21.57 -5.04 -7.21
C MET B 36 -21.22 -6.14 -6.16
N LEU B 37 -21.98 -6.18 -5.07
CA LEU B 37 -21.69 -7.14 -4.00
C LEU B 37 -21.84 -8.56 -4.47
N GLY B 38 -22.92 -8.78 -5.18
CA GLY B 38 -23.32 -10.11 -5.61
C GLY B 38 -22.44 -10.61 -6.68
N GLY B 39 -22.09 -9.72 -7.60
CA GLY B 39 -21.25 -10.11 -8.71
C GLY B 39 -19.84 -10.46 -8.24
N THR B 40 -19.37 -9.73 -7.24
CA THR B 40 -18.04 -10.05 -6.71
C THR B 40 -18.04 -11.42 -6.01
N THR B 41 -19.05 -11.64 -5.18
CA THR B 41 -19.13 -12.91 -4.46
C THR B 41 -19.20 -14.06 -5.45
N GLN B 42 -19.98 -13.85 -6.49
CA GLN B 42 -20.11 -14.83 -7.52
C GLN B 42 -18.79 -15.19 -8.20
N ILE B 43 -17.99 -14.18 -8.54
CA ILE B 43 -16.69 -14.45 -9.15
C ILE B 43 -15.79 -15.25 -8.20
N PHE B 44 -15.63 -14.78 -6.97
CA PHE B 44 -14.65 -15.42 -6.10
C PHE B 44 -15.10 -16.74 -5.50
N ALA B 45 -16.41 -16.93 -5.36
CA ALA B 45 -16.94 -18.15 -4.81
C ALA B 45 -16.47 -19.37 -5.62
N ALA B 46 -16.25 -19.18 -6.92
CA ALA B 46 -15.79 -20.28 -7.77
C ALA B 46 -14.30 -20.49 -7.69
N MET B 47 -13.58 -19.57 -7.05
CA MET B 47 -12.09 -19.63 -6.98
C MET B 47 -11.53 -20.00 -5.58
N ALA B 48 -12.23 -19.68 -4.49
CA ALA B 48 -11.65 -19.85 -3.18
C ALA B 48 -11.80 -21.25 -2.61
N THR B 49 -10.73 -21.76 -2.00
CA THR B 49 -10.78 -23.01 -1.26
C THR B 49 -11.53 -22.82 0.07
N GLY B 50 -12.56 -23.61 0.26
CA GLY B 50 -13.38 -23.56 1.45
C GLY B 50 -13.23 -24.71 2.42
N SER B 51 -12.34 -25.68 2.09
CA SER B 51 -12.14 -26.86 2.95
C SER B 51 -10.88 -27.56 2.58
N ASP B 52 -10.33 -28.25 3.56
CA ASP B 52 -9.10 -29.03 3.42
C ASP B 52 -9.22 -30.14 4.42
N PRO B 53 -9.06 -31.39 3.95
CA PRO B 53 -9.18 -32.51 4.89
C PRO B 53 -8.15 -32.52 5.96
N GLU B 54 -7.05 -31.81 5.82
CA GLU B 54 -6.15 -31.74 6.95
C GLU B 54 -6.50 -30.62 7.94
N VAL B 55 -7.48 -29.80 7.59
CA VAL B 55 -7.94 -28.76 8.51
C VAL B 55 -9.15 -29.24 9.24
N GLU B 56 -9.00 -29.43 10.55
CA GLU B 56 -10.13 -29.82 11.38
C GLU B 56 -10.95 -28.59 11.84
N VAL B 57 -12.26 -28.64 11.67
CA VAL B 57 -13.13 -27.53 11.99
C VAL B 57 -14.08 -27.91 13.14
N THR B 58 -14.23 -27.05 14.14
CA THR B 58 -15.25 -27.26 15.17
C THR B 58 -16.21 -26.11 15.02
N ARG B 59 -17.49 -26.43 14.87
CA ARG B 59 -18.52 -25.42 14.57
C ARG B 59 -19.24 -24.93 15.78
N ASP B 60 -19.50 -23.63 15.79
CA ASP B 60 -20.46 -23.06 16.76
C ASP B 60 -20.16 -23.30 18.24
N LEU B 61 -18.92 -23.05 18.62
CA LEU B 61 -18.59 -22.86 20.01
C LEU B 61 -19.29 -21.60 20.49
N GLU B 62 -19.80 -21.66 21.71
CA GLU B 62 -20.62 -20.58 22.24
C GLU B 62 -19.74 -19.70 23.05
N TYR B 63 -19.63 -18.43 22.69
CA TYR B 63 -18.73 -17.58 23.46
C TYR B 63 -19.52 -16.65 24.35
N GLY B 64 -20.82 -16.75 24.26
CA GLY B 64 -21.70 -15.87 25.05
C GLY B 64 -23.10 -16.48 25.02
N GLU B 65 -24.03 -15.79 25.66
CA GLU B 65 -25.41 -16.21 25.79
C GLU B 65 -26.28 -16.06 24.58
N ASP B 66 -26.02 -15.02 23.80
CA ASP B 66 -26.86 -14.75 22.64
C ASP B 66 -26.77 -15.90 21.63
N PRO B 67 -27.83 -16.16 20.85
CA PRO B 67 -27.76 -17.17 19.81
C PRO B 67 -26.67 -16.95 18.77
N ARG B 68 -26.30 -15.68 18.56
CA ARG B 68 -25.25 -15.30 17.60
C ARG B 68 -23.84 -15.18 18.21
N HIS B 69 -23.69 -15.49 19.49
CA HIS B 69 -22.39 -15.57 20.07
C HIS B 69 -21.78 -16.96 19.78
N ARG B 70 -21.39 -17.14 18.54
CA ARG B 70 -20.87 -18.40 18.06
C ARG B 70 -19.57 -18.18 17.34
N LEU B 71 -18.66 -19.17 17.41
CA LEU B 71 -17.47 -19.13 16.60
C LEU B 71 -17.09 -20.52 16.14
N ASP B 72 -16.39 -20.56 15.02
CA ASP B 72 -15.94 -21.79 14.33
C ASP B 72 -14.43 -21.76 14.38
N LEU B 73 -13.82 -22.88 14.73
CA LEU B 73 -12.39 -22.96 14.92
C LEU B 73 -11.79 -23.88 13.90
N PHE B 74 -10.68 -23.45 13.32
CA PHE B 74 -9.98 -24.17 12.28
C PHE B 74 -8.52 -24.44 12.70
N ARG B 75 -8.04 -25.69 12.56
CA ARG B 75 -6.65 -26.00 12.86
C ARG B 75 -6.22 -27.34 12.26
N LYS B 76 -4.92 -27.50 12.16
CA LYS B 76 -4.32 -28.76 11.69
C LYS B 76 -3.89 -29.56 12.92
N ALA B 77 -3.73 -30.87 12.74
CA ALA B 77 -3.36 -31.75 13.87
C ALA B 77 -2.07 -31.32 14.52
N ASP B 78 -1.08 -30.87 13.77
CA ASP B 78 0.21 -30.53 14.40
C ASP B 78 0.37 -29.09 14.90
N THR B 79 -0.73 -28.34 14.98
CA THR B 79 -0.65 -26.93 15.37
C THR B 79 -0.53 -26.83 16.88
N ARG B 80 0.43 -26.05 17.36
CA ARG B 80 0.57 -25.86 18.81
C ARG B 80 1.14 -24.47 19.07
N ASP B 81 0.70 -23.85 20.17
CA ASP B 81 1.24 -22.52 20.59
C ASP B 81 1.23 -21.50 19.42
N ALA B 82 0.22 -21.59 18.58
CA ALA B 82 0.21 -20.82 17.35
C ALA B 82 -0.52 -19.49 17.42
N PRO B 83 -0.21 -18.61 16.48
CA PRO B 83 -0.98 -17.42 16.38
C PRO B 83 -2.47 -17.78 16.12
N VAL B 84 -3.37 -16.93 16.59
CA VAL B 84 -4.78 -17.12 16.40
C VAL B 84 -5.34 -15.96 15.58
N LEU B 85 -5.80 -16.25 14.35
CA LEU B 85 -6.35 -15.23 13.49
C LEU B 85 -7.87 -15.30 13.55
N VAL B 86 -8.47 -14.23 14.02
CA VAL B 86 -9.94 -14.13 14.08
C VAL B 86 -10.40 -13.25 12.91
N PHE B 87 -11.50 -13.64 12.26
CA PHE B 87 -12.12 -12.85 11.20
C PHE B 87 -13.55 -12.51 11.57
N VAL B 88 -13.84 -11.21 11.49
CA VAL B 88 -15.15 -10.62 11.78
C VAL B 88 -15.78 -10.12 10.46
N HIS B 89 -16.82 -10.81 9.99
CA HIS B 89 -17.45 -10.49 8.72
C HIS B 89 -18.15 -9.09 8.73
N GLY B 90 -18.40 -8.61 7.51
CA GLY B 90 -19.15 -7.39 7.25
C GLY B 90 -20.63 -7.62 6.99
N GLY B 91 -21.29 -6.61 6.40
CA GLY B 91 -22.76 -6.67 6.22
C GLY B 91 -23.55 -5.48 6.77
N GLY B 92 -22.90 -4.31 6.87
CA GLY B 92 -23.57 -3.08 7.27
C GLY B 92 -24.11 -3.09 8.67
N PHE B 93 -23.49 -3.90 9.56
CA PHE B 93 -23.94 -4.06 10.97
C PHE B 93 -25.25 -4.85 11.18
N VAL B 94 -26.00 -5.12 10.08
CA VAL B 94 -27.37 -5.61 10.11
C VAL B 94 -27.55 -7.01 9.58
N MET B 95 -26.53 -7.57 8.97
CA MET B 95 -26.62 -8.87 8.36
C MET B 95 -25.25 -9.44 8.15
N GLY B 96 -25.20 -10.60 7.50
CA GLY B 96 -23.98 -11.31 7.23
C GLY B 96 -23.83 -12.43 8.20
N ASP B 97 -22.81 -13.26 7.98
CA ASP B 97 -22.58 -14.45 8.73
C ASP B 97 -21.13 -14.92 8.52
N LYS B 98 -20.66 -15.79 9.41
CA LYS B 98 -19.35 -16.42 9.20
C LYS B 98 -19.42 -17.49 8.08
N ARG B 99 -20.64 -17.97 7.79
CA ARG B 99 -20.86 -18.98 6.78
C ARG B 99 -21.95 -18.49 5.81
N LEU B 100 -21.64 -18.56 4.53
CA LEU B 100 -22.70 -18.43 3.45
C LEU B 100 -22.77 -19.71 2.57
N ALA B 101 -23.86 -20.47 2.70
CA ALA B 101 -23.96 -21.80 2.07
C ALA B 101 -23.82 -21.67 0.58
N GLU B 102 -23.34 -22.73 -0.07
CA GLU B 102 -23.08 -22.73 -1.49
C GLU B 102 -21.94 -21.78 -1.91
N THR B 103 -21.19 -21.27 -0.92
CA THR B 103 -19.95 -20.49 -1.18
C THR B 103 -18.92 -20.94 -0.15
N PRO B 104 -17.64 -20.67 -0.42
CA PRO B 104 -16.60 -20.97 0.54
C PRO B 104 -16.35 -19.87 1.59
N PHE B 105 -17.22 -18.89 1.66
CA PHE B 105 -16.98 -17.72 2.59
C PHE B 105 -17.72 -17.88 3.88
N TYR B 106 -17.09 -17.71 5.03
CA TYR B 106 -15.69 -17.32 5.24
C TYR B 106 -14.83 -18.45 5.74
N ASP B 107 -15.28 -19.68 5.52
CA ASP B 107 -14.41 -20.81 5.73
C ASP B 107 -13.05 -20.64 5.03
N ASN B 108 -13.03 -19.94 3.89
CA ASN B 108 -11.80 -19.75 3.14
C ASN B 108 -10.73 -19.14 4.03
N ILE B 109 -11.14 -18.21 4.92
CA ILE B 109 -10.21 -17.49 5.77
C ILE B 109 -9.81 -18.39 6.91
N GLY B 110 -10.76 -19.10 7.49
CA GLY B 110 -10.39 -20.00 8.55
C GLY B 110 -9.46 -21.11 8.09
N VAL B 111 -9.78 -21.69 6.92
CA VAL B 111 -8.96 -22.76 6.32
C VAL B 111 -7.56 -22.25 5.95
N PHE B 112 -7.47 -21.06 5.31
CA PHE B 112 -6.19 -20.44 5.03
C PHE B 112 -5.32 -20.26 6.27
N ALA B 113 -5.92 -19.75 7.33
CA ALA B 113 -5.20 -19.54 8.59
C ALA B 113 -4.58 -20.84 9.09
N ALA B 114 -5.36 -21.90 9.09
CA ALA B 114 -4.91 -23.21 9.57
C ALA B 114 -3.78 -23.75 8.68
N GLN B 115 -3.87 -23.50 7.37
CA GLN B 115 -2.88 -23.97 6.44
C GLN B 115 -1.57 -23.24 6.68
N GLN B 116 -1.64 -21.98 7.14
CA GLN B 116 -0.48 -21.11 7.36
C GLN B 116 0.14 -21.39 8.72
N GLY B 117 -0.42 -22.30 9.47
CA GLY B 117 0.11 -22.64 10.77
C GLY B 117 -0.55 -21.89 11.91
N PHE B 118 -1.73 -21.29 11.67
CA PHE B 118 -2.36 -20.56 12.74
C PHE B 118 -3.56 -21.39 13.21
N VAL B 119 -4.21 -20.94 14.27
CA VAL B 119 -5.61 -21.29 14.53
C VAL B 119 -6.50 -20.24 13.88
N GLY B 120 -7.38 -20.64 12.99
CA GLY B 120 -8.34 -19.69 12.45
C GLY B 120 -9.67 -19.73 13.17
N VAL B 121 -10.27 -18.56 13.33
CA VAL B 121 -11.50 -18.36 14.04
C VAL B 121 -12.38 -17.48 13.20
N THR B 122 -13.61 -17.91 12.96
CA THR B 122 -14.59 -17.04 12.35
C THR B 122 -15.74 -16.91 13.32
N ILE B 123 -16.38 -15.76 13.35
CA ILE B 123 -17.41 -15.49 14.39
C ILE B 123 -18.68 -14.89 13.79
N THR B 124 -19.80 -15.07 14.48
CA THR B 124 -20.92 -14.15 14.36
C THR B 124 -21.03 -13.27 15.62
N TYR B 125 -21.93 -12.30 15.56
CA TYR B 125 -22.09 -11.31 16.59
C TYR B 125 -23.48 -10.78 16.52
N ARG B 126 -23.90 -10.09 17.57
CA ARG B 126 -25.25 -9.49 17.66
C ARG B 126 -25.43 -8.42 16.62
N LEU B 127 -26.60 -8.40 15.97
CA LEU B 127 -26.87 -7.52 14.80
C LEU B 127 -27.74 -6.33 15.15
N ALA B 128 -27.47 -5.22 14.47
CA ALA B 128 -28.26 -4.03 14.50
C ALA B 128 -29.50 -4.26 13.60
N PRO B 129 -30.60 -3.58 13.91
CA PRO B 129 -30.80 -2.58 14.94
C PRO B 129 -31.26 -3.15 16.24
N ALA B 130 -31.47 -4.46 16.35
CA ALA B 130 -31.84 -5.05 17.65
C ALA B 130 -30.76 -4.78 18.64
N HIS B 131 -29.48 -4.83 18.22
CA HIS B 131 -28.42 -4.46 19.17
C HIS B 131 -27.57 -3.38 18.56
N GLN B 132 -27.37 -2.33 19.33
CA GLN B 132 -26.64 -1.16 18.91
C GLN B 132 -25.35 -1.00 19.72
N PHE B 133 -24.47 -0.12 19.24
CA PHE B 133 -23.30 0.29 19.96
C PHE B 133 -23.65 0.52 21.42
N PRO B 134 -22.83 -0.05 22.37
CA PRO B 134 -21.53 -0.74 22.10
C PRO B 134 -21.59 -2.30 22.04
N SER B 135 -22.62 -2.92 21.47
CA SER B 135 -22.69 -4.38 21.35
C SER B 135 -21.43 -4.95 20.67
N GLY B 136 -20.91 -4.24 19.67
CA GLY B 136 -19.80 -4.77 18.86
C GLY B 136 -18.54 -4.97 19.65
N PRO B 137 -18.08 -3.91 20.35
CA PRO B 137 -16.88 -4.12 21.15
C PRO B 137 -17.14 -5.09 22.32
N GLU B 138 -18.38 -5.14 22.82
CA GLU B 138 -18.70 -6.13 23.85
C GLU B 138 -18.51 -7.54 23.32
N ASP B 139 -19.05 -7.81 22.15
CA ASP B 139 -18.96 -9.13 21.57
C ASP B 139 -17.53 -9.51 21.33
N LEU B 140 -16.73 -8.57 20.82
CA LEU B 140 -15.35 -8.85 20.53
C LEU B 140 -14.55 -9.13 21.82
N ALA B 141 -14.85 -8.36 22.87
CA ALA B 141 -14.30 -8.65 24.15
C ALA B 141 -14.63 -10.09 24.62
N ALA B 142 -15.88 -10.52 24.43
CA ALA B 142 -16.28 -11.84 24.79
C ALA B 142 -15.53 -12.91 24.02
N VAL B 143 -15.25 -12.65 22.76
CA VAL B 143 -14.55 -13.63 21.91
C VAL B 143 -13.11 -13.71 22.47
N VAL B 144 -12.49 -12.57 22.75
CA VAL B 144 -11.08 -12.57 23.27
C VAL B 144 -11.01 -13.37 24.60
N ARG B 145 -11.91 -13.05 25.50
CA ARG B 145 -12.04 -13.75 26.76
C ARG B 145 -12.18 -15.29 26.53
N TRP B 146 -13.07 -15.69 25.62
CA TRP B 146 -13.28 -17.09 25.34
C TRP B 146 -11.98 -17.73 24.83
N LEU B 147 -11.34 -17.04 23.89
CA LEU B 147 -10.10 -17.57 23.31
C LEU B 147 -8.98 -17.67 24.36
N LYS B 148 -8.89 -16.67 25.23
CA LYS B 148 -7.87 -16.77 26.26
C LYS B 148 -8.06 -17.99 27.17
N ALA B 149 -9.31 -18.36 27.41
CA ALA B 149 -9.66 -19.47 28.30
C ALA B 149 -9.67 -20.80 27.62
N ASN B 150 -9.79 -20.87 26.28
CA ASN B 150 -10.05 -22.15 25.61
C ASN B 150 -9.23 -22.50 24.43
N VAL B 151 -8.52 -21.55 23.81
CA VAL B 151 -7.91 -21.80 22.51
C VAL B 151 -6.66 -22.72 22.55
N ALA B 152 -6.02 -22.82 23.72
CA ALA B 152 -4.81 -23.64 23.87
C ALA B 152 -4.97 -25.12 23.40
N GLN B 153 -6.08 -25.75 23.78
CA GLN B 153 -6.39 -27.13 23.38
C GLN B 153 -6.61 -27.29 21.90
N TYR B 154 -6.95 -26.19 21.22
CA TYR B 154 -7.05 -26.22 19.78
C TYR B 154 -5.75 -25.84 19.04
N GLY B 155 -4.65 -25.69 19.77
CA GLY B 155 -3.39 -25.34 19.17
C GLY B 155 -2.93 -23.89 19.26
N GLY B 156 -3.71 -23.02 19.92
CA GLY B 156 -3.39 -21.59 19.93
C GLY B 156 -2.65 -21.10 21.17
N ASP B 157 -1.90 -20.02 20.97
CA ASP B 157 -1.31 -19.26 22.06
C ASP B 157 -2.23 -18.07 22.31
N PRO B 158 -2.80 -17.98 23.52
CA PRO B 158 -3.70 -16.92 23.90
C PRO B 158 -3.06 -15.54 23.93
N ASP B 159 -1.74 -15.47 23.85
CA ASP B 159 -1.07 -14.22 23.80
C ASP B 159 -0.74 -13.81 22.37
N LYS B 160 -1.19 -14.57 21.38
CA LYS B 160 -0.91 -14.24 19.95
C LYS B 160 -2.19 -14.11 19.12
N ILE B 161 -3.19 -13.47 19.69
CA ILE B 161 -4.50 -13.29 19.04
C ILE B 161 -4.38 -12.03 18.12
N VAL B 162 -4.77 -12.22 16.87
CA VAL B 162 -4.93 -11.12 15.92
C VAL B 162 -6.37 -11.04 15.46
N LEU B 163 -6.97 -9.88 15.67
CA LEU B 163 -8.30 -9.63 15.21
C LEU B 163 -8.35 -8.98 13.82
N SER B 164 -9.03 -9.62 12.85
CA SER B 164 -9.26 -9.06 11.55
C SER B 164 -10.73 -8.88 11.25
N GLY B 165 -11.06 -7.89 10.46
CA GLY B 165 -12.47 -7.65 10.07
C GLY B 165 -12.57 -6.91 8.76
N GLN B 166 -13.73 -7.00 8.13
CA GLN B 166 -13.99 -6.33 6.86
C GLN B 166 -15.27 -5.49 6.97
C SEB B 167 -16.83 -3.16 7.99
N SEB B 167 -15.20 -4.26 6.49
CI2 SEB B 167 -23.61 -4.51 2.99
CH2 SEB B 167 -22.24 -4.35 3.12
CJ SEB B 167 -24.45 -3.43 3.28
CI1 SEB B 167 -23.95 -2.20 3.64
CH1 SEB B 167 -22.58 -2.04 3.77
CZ SEB B 167 -21.72 -3.12 3.48
CE SEB B 167 -20.21 -3.00 3.66
OD2 SEB B 167 -20.08 -3.89 6.11
OD1 SEB B 167 -20.33 -1.47 5.68
SD SEB B 167 -19.82 -2.72 5.25
OG SEB B 167 -18.25 -2.48 5.41
CB SEB B 167 -17.39 -3.67 5.55
CA SEB B 167 -16.31 -3.33 6.56
O SEB B 167 -16.09 -2.70 8.84
N ALA B 168 -18.09 -3.49 8.25
CA ALA B 168 -18.67 -3.31 9.59
C ALA B 168 -17.86 -4.15 10.59
N GLY B 169 -17.31 -5.27 10.15
CA GLY B 169 -16.48 -6.11 11.00
C GLY B 169 -15.21 -5.40 11.44
N ALA B 170 -14.63 -4.66 10.50
CA ALA B 170 -13.49 -3.82 10.79
C ALA B 170 -13.85 -2.66 11.72
N ALA B 171 -15.08 -2.12 11.61
CA ALA B 171 -15.57 -1.11 12.54
C ALA B 171 -15.62 -1.74 13.93
N HIS B 172 -16.09 -2.96 14.03
CA HIS B 172 -16.16 -3.64 15.33
C HIS B 172 -14.78 -3.85 15.92
N VAL B 173 -13.85 -4.37 15.12
CA VAL B 173 -12.47 -4.52 15.58
C VAL B 173 -11.87 -3.18 16.05
N ALA B 174 -12.08 -2.13 15.29
CA ALA B 174 -11.60 -0.82 15.62
C ALA B 174 -12.23 -0.30 16.89
N SER B 175 -13.53 -0.56 17.10
CA SER B 175 -14.16 -0.16 18.35
C SER B 175 -13.65 -0.93 19.54
N TYR B 176 -13.26 -2.19 19.31
CA TYR B 176 -12.67 -2.96 20.39
C TYR B 176 -11.32 -2.31 20.80
N ILE B 177 -10.52 -1.99 19.81
CA ILE B 177 -9.24 -1.36 20.05
C ILE B 177 -9.40 -0.02 20.80
N ALA B 178 -10.32 0.79 20.34
CA ALA B 178 -10.44 2.14 20.80
C ALA B 178 -11.03 2.21 22.20
N HIS B 179 -11.98 1.32 22.51
CA HIS B 179 -12.78 1.41 23.71
C HIS B 179 -12.53 0.22 24.65
N LYS B 180 -11.71 -0.75 24.31
CA LYS B 180 -11.57 -1.96 25.12
C LYS B 180 -10.15 -2.48 25.34
N ALA B 181 -9.35 -2.39 24.30
CA ALA B 181 -8.25 -3.33 24.14
C ALA B 181 -7.19 -3.18 25.23
N HIS B 182 -7.10 -1.93 25.71
CA HIS B 182 -6.07 -1.52 26.67
C HIS B 182 -6.50 -1.73 28.11
N HIS B 183 -7.75 -2.04 28.33
CA HIS B 183 -8.29 -2.28 29.68
C HIS B 183 -7.68 -3.55 30.32
N ALA B 184 -7.37 -3.47 31.62
CA ALA B 184 -6.98 -4.64 32.42
C ALA B 184 -7.84 -5.88 32.26
N THR B 185 -9.15 -5.68 32.01
CA THR B 185 -10.06 -6.80 31.71
C THR B 185 -9.57 -7.74 30.54
N GLU B 186 -8.71 -7.24 29.66
CA GLU B 186 -8.27 -7.96 28.50
C GLU B 186 -6.95 -8.70 28.74
N GLY B 187 -6.51 -8.70 29.99
CA GLY B 187 -5.22 -9.26 30.34
C GLY B 187 -4.07 -8.71 29.51
N GLY B 188 -3.40 -9.57 28.80
CA GLY B 188 -2.36 -9.11 27.90
C GLY B 188 -2.91 -8.45 26.65
N GLY B 189 -4.21 -8.65 26.37
CA GLY B 189 -4.90 -8.12 25.18
C GLY B 189 -4.57 -8.94 23.90
N ILE B 190 -4.61 -8.26 22.77
CA ILE B 190 -4.37 -8.87 21.49
C ILE B 190 -3.00 -8.43 20.95
N ALA B 191 -2.47 -9.17 20.02
CA ALA B 191 -1.14 -8.89 19.47
C ALA B 191 -1.22 -7.96 18.26
N GLY B 192 -2.38 -7.83 17.63
CA GLY B 192 -2.49 -7.03 16.45
C GLY B 192 -3.89 -6.98 15.90
N ALA B 193 -4.12 -6.06 14.91
CA ALA B 193 -5.41 -5.96 14.25
C ALA B 193 -5.30 -5.60 12.79
N ILE B 194 -6.20 -6.18 11.99
CA ILE B 194 -6.27 -5.99 10.56
C ILE B 194 -7.64 -5.44 10.18
N LEU B 195 -7.67 -4.25 9.58
CA LEU B 195 -8.87 -3.50 9.37
C LEU B 195 -9.06 -3.25 7.89
N MET B 196 -9.95 -3.98 7.30
CA MET B 196 -10.10 -4.01 5.87
C MET B 196 -11.30 -3.18 5.48
N SER B 197 -11.09 -2.05 4.90
CA SER B 197 -12.16 -1.13 4.44
C SER B 197 -13.23 -0.94 5.52
N GLY B 198 -12.79 -0.45 6.68
CA GLY B 198 -13.67 -0.15 7.77
C GLY B 198 -14.10 1.31 7.78
N ILE B 199 -15.08 1.58 8.61
CA ILE B 199 -15.50 2.97 8.95
C ILE B 199 -14.99 3.19 10.36
N TYR B 200 -14.18 4.24 10.56
CA TYR B 200 -13.42 4.44 11.80
C TYR B 200 -13.89 5.67 12.60
N ASP B 201 -14.42 6.71 11.93
CA ASP B 201 -14.81 7.96 12.60
C ASP B 201 -16.26 8.27 12.28
N THR B 202 -17.11 8.01 13.27
CA THR B 202 -18.50 8.29 13.21
C THR B 202 -18.87 9.75 13.10
N LEU B 203 -17.95 10.66 13.38
CA LEU B 203 -18.29 12.08 13.27
C LEU B 203 -18.07 12.59 11.87
N THR B 204 -17.25 11.94 11.07
CA THR B 204 -17.05 12.40 9.68
C THR B 204 -17.69 11.46 8.66
N ALA B 205 -18.19 10.33 9.10
CA ALA B 205 -18.81 9.36 8.20
C ALA B 205 -20.08 9.99 7.65
N THR B 206 -20.36 9.70 6.40
CA THR B 206 -21.64 10.09 5.78
C THR B 206 -22.76 9.23 6.38
N PRO B 207 -23.74 9.85 7.05
CA PRO B 207 -24.78 9.05 7.70
C PRO B 207 -25.61 8.26 6.66
N ASN B 208 -26.01 7.05 7.00
CA ASN B 208 -26.87 6.25 6.15
C ASN B 208 -27.67 5.31 7.05
N GLU B 209 -28.63 4.55 6.47
CA GLU B 209 -29.54 3.68 7.23
C GLU B 209 -28.74 2.61 8.04
N PHE B 210 -27.62 2.14 7.49
CA PHE B 210 -26.84 1.12 8.17
C PHE B 210 -26.21 1.69 9.45
N LEU B 211 -25.58 2.85 9.34
CA LEU B 211 -24.99 3.54 10.44
C LEU B 211 -26.05 3.90 11.47
N ILE B 212 -27.20 4.35 10.96
CA ILE B 212 -28.34 4.61 11.86
C ILE B 212 -28.79 3.34 12.60
N ALA B 213 -28.89 2.21 11.91
CA ALA B 213 -29.24 0.95 12.57
C ALA B 213 -28.36 0.66 13.76
N TYR B 214 -27.05 0.92 13.60
CA TYR B 214 -26.10 0.50 14.65
C TYR B 214 -25.77 1.59 15.64
N TYR B 215 -25.50 2.80 15.19
CA TYR B 215 -25.12 3.89 16.11
C TYR B 215 -26.27 4.75 16.69
N GLY B 216 -27.48 4.58 16.20
CA GLY B 216 -28.62 5.31 16.76
C GLY B 216 -29.15 6.30 15.76
N ASP B 217 -30.41 6.63 15.95
CA ASP B 217 -31.19 7.44 14.99
C ASP B 217 -30.60 8.86 14.71
N ASP B 218 -30.04 9.48 15.74
CA ASP B 218 -29.47 10.83 15.59
C ASP B 218 -27.96 10.93 15.42
N PRO B 219 -27.51 11.25 14.20
CA PRO B 219 -26.05 11.25 13.97
C PRO B 219 -25.27 12.20 14.83
N LYS B 220 -25.92 13.27 15.27
CA LYS B 220 -25.26 14.23 16.17
C LYS B 220 -24.86 13.61 17.50
N GLY B 221 -25.47 12.47 17.85
CA GLY B 221 -25.09 11.75 19.08
C GLY B 221 -24.05 10.63 18.91
N TRP B 222 -23.42 10.53 17.74
CA TRP B 222 -22.55 9.36 17.39
C TRP B 222 -21.13 9.58 17.85
N GLY B 223 -20.81 10.77 18.41
CA GLY B 223 -19.46 11.06 18.76
C GLY B 223 -18.77 10.08 19.76
N PRO B 224 -19.44 9.73 20.87
CA PRO B 224 -18.75 8.83 21.78
C PRO B 224 -18.43 7.44 21.16
N ALA B 225 -19.08 7.08 20.08
CA ALA B 225 -18.82 5.83 19.44
C ALA B 225 -17.67 5.91 18.42
N SER B 226 -17.09 7.08 18.21
CA SER B 226 -15.97 7.21 17.30
C SER B 226 -14.72 6.36 17.76
N SER B 227 -14.10 5.61 16.85
CA SER B 227 -12.91 4.85 17.16
C SER B 227 -11.65 5.59 16.80
N MET B 228 -11.76 6.72 16.11
CA MET B 228 -10.59 7.29 15.46
C MET B 228 -9.47 7.66 16.41
N ALA B 229 -9.80 8.40 17.47
CA ALA B 229 -8.82 8.83 18.42
C ALA B 229 -8.15 7.62 19.06
N GLY B 230 -8.92 6.58 19.35
CA GLY B 230 -8.40 5.41 20.01
C GLY B 230 -7.50 4.58 19.10
N LEU B 231 -7.78 4.60 17.82
CA LEU B 231 -6.89 3.97 16.88
C LEU B 231 -5.59 4.73 16.82
N ILE B 232 -5.67 6.04 16.77
CA ILE B 232 -4.47 6.85 16.64
C ILE B 232 -3.56 6.64 17.89
N ASN B 233 -4.17 6.43 19.05
CA ASN B 233 -3.44 6.32 20.29
C ASN B 233 -3.02 4.94 20.70
N THR B 234 -3.48 3.90 20.00
CA THR B 234 -3.25 2.56 20.47
C THR B 234 -1.80 2.22 20.29
N GLU B 235 -1.33 1.33 21.12
CA GLU B 235 -0.03 0.71 20.97
C GLU B 235 -0.12 -0.66 20.26
N ILE B 236 -1.33 -1.16 20.00
CA ILE B 236 -1.47 -2.43 19.28
C ILE B 236 -1.12 -2.22 17.81
N PRO B 237 -0.22 -3.04 17.26
CA PRO B 237 0.06 -2.95 15.81
C PRO B 237 -1.22 -3.06 14.95
N LEU B 238 -1.33 -2.16 13.99
CA LEU B 238 -2.46 -2.13 13.07
C LEU B 238 -2.01 -2.26 11.66
N MET B 239 -2.71 -3.10 10.90
CA MET B 239 -2.61 -3.11 9.45
C MET B 239 -3.99 -2.79 8.87
N LEU B 240 -4.02 -1.85 7.92
CA LEU B 240 -5.26 -1.50 7.29
C LEU B 240 -5.17 -1.64 5.79
N THR B 241 -6.31 -1.81 5.16
CA THR B 241 -6.41 -1.84 3.72
C THR B 241 -7.57 -0.97 3.18
N VAL B 242 -7.35 -0.44 1.98
CA VAL B 242 -8.34 0.30 1.23
C VAL B 242 -8.19 -0.18 -0.22
N SER B 243 -9.34 -0.33 -0.90
CA SER B 243 -9.33 -0.97 -2.21
C SER B 243 -9.44 0.12 -3.30
N GLU B 244 -8.78 -0.13 -4.43
CA GLU B 244 -8.91 0.80 -5.58
C GLU B 244 -10.34 1.17 -5.93
N PHE B 245 -11.26 0.22 -5.92
CA PHE B 245 -12.68 0.47 -6.29
C PHE B 245 -13.63 0.47 -5.10
N ASP B 246 -13.08 0.76 -3.91
CA ASP B 246 -13.87 0.94 -2.67
C ASP B 246 -14.84 2.08 -2.92
N PRO B 247 -16.05 1.99 -2.38
CA PRO B 247 -16.93 3.18 -2.44
C PRO B 247 -16.31 4.38 -1.78
N GLU B 248 -16.82 5.56 -2.13
CA GLU B 248 -16.30 6.81 -1.65
C GLU B 248 -16.02 6.89 -0.16
N ASP B 249 -17.01 6.59 0.69
CA ASP B 249 -16.80 6.83 2.13
C ASP B 249 -15.73 5.94 2.78
N PHE B 250 -15.57 4.73 2.27
CA PHE B 250 -14.44 3.88 2.70
C PHE B 250 -13.08 4.46 2.31
N GLN B 251 -13.00 5.02 1.10
CA GLN B 251 -11.79 5.69 0.70
C GLN B 251 -11.54 6.98 1.52
N ARG B 252 -12.58 7.76 1.83
CA ARG B 252 -12.45 8.94 2.65
C ARG B 252 -11.97 8.61 4.06
N GLN B 253 -12.59 7.58 4.64
CA GLN B 253 -12.21 7.18 6.01
C GLN B 253 -10.75 6.70 6.04
N ALA B 254 -10.33 5.96 5.01
CA ALA B 254 -8.98 5.51 4.96
C ALA B 254 -7.99 6.65 4.86
N ALA B 255 -8.30 7.64 4.01
CA ALA B 255 -7.40 8.78 3.86
C ALA B 255 -7.40 9.63 5.13
N GLN B 256 -8.58 9.80 5.74
CA GLN B 256 -8.64 10.46 7.06
C GLN B 256 -7.76 9.78 8.14
N PHE B 257 -7.78 8.46 8.16
CA PHE B 257 -6.95 7.73 9.10
C PHE B 257 -5.45 8.09 8.88
N VAL B 258 -5.00 8.04 7.63
CA VAL B 258 -3.65 8.37 7.29
C VAL B 258 -3.32 9.84 7.70
N CYS B 259 -4.19 10.82 7.41
CA CYS B 259 -3.99 12.20 7.85
C CYS B 259 -3.75 12.30 9.39
N ALA B 260 -4.70 11.77 10.16
CA ALA B 260 -4.67 11.87 11.62
C ALA B 260 -3.46 11.14 12.19
N TRP B 261 -3.07 10.01 11.58
CA TRP B 261 -1.90 9.25 12.07
C TRP B 261 -0.67 10.03 11.82
N GLY B 262 -0.52 10.51 10.61
CA GLY B 262 0.63 11.30 10.22
C GLY B 262 0.75 12.54 11.06
N MET B 263 -0.38 13.17 11.33
CA MET B 263 -0.39 14.34 12.23
C MET B 263 0.04 14.02 13.67
N ALA B 264 -0.47 12.95 14.23
CA ALA B 264 -0.16 12.62 15.61
C ALA B 264 1.25 12.09 15.73
N HIS B 265 1.72 11.30 14.76
CA HIS B 265 2.96 10.55 14.93
C HIS B 265 4.15 10.91 14.06
N ALA B 266 4.01 11.87 13.13
CA ALA B 266 5.02 12.19 12.15
C ALA B 266 5.57 10.95 11.47
N ALA B 267 4.66 10.09 11.01
CA ALA B 267 4.94 8.77 10.47
C ALA B 267 3.75 8.35 9.66
N TYR B 268 3.96 7.29 8.90
CA TYR B 268 2.99 6.83 7.97
C TYR B 268 2.56 5.45 8.42
N PRO B 269 1.25 5.24 8.62
CA PRO B 269 0.78 3.96 9.19
C PRO B 269 0.75 2.82 8.15
N GLU B 270 0.58 1.59 8.59
CA GLU B 270 0.52 0.48 7.68
C GLU B 270 -0.89 0.39 7.03
N MET B 271 -1.10 1.26 6.03
CA MET B 271 -2.34 1.26 5.20
C MET B 271 -1.99 0.85 3.80
N HIS B 272 -2.55 -0.26 3.36
CA HIS B 272 -2.20 -0.84 2.13
C HIS B 272 -3.26 -0.41 1.08
N TYR B 273 -2.79 -0.01 -0.10
CA TYR B 273 -3.64 0.27 -1.23
C TYR B 273 -3.69 -0.95 -2.15
N LEU B 274 -4.90 -1.45 -2.36
CA LEU B 274 -5.08 -2.72 -3.02
C LEU B 274 -5.52 -2.51 -4.46
N VAL B 275 -4.54 -2.53 -5.36
CA VAL B 275 -4.77 -2.29 -6.80
C VAL B 275 -5.66 -3.37 -7.37
N GLY B 276 -6.70 -2.96 -8.08
CA GLY B 276 -7.56 -3.91 -8.81
C GLY B 276 -8.68 -4.52 -7.97
N HIS B 277 -8.62 -4.33 -6.66
CA HIS B 277 -9.61 -4.83 -5.72
C HIS B 277 -10.77 -3.85 -5.53
N ASN B 278 -11.90 -4.40 -5.16
CA ASN B 278 -13.04 -3.61 -4.76
C ASN B 278 -13.38 -3.85 -3.31
N HIS B 279 -14.61 -3.59 -2.88
CA HIS B 279 -14.87 -3.58 -1.45
C HIS B 279 -14.83 -4.98 -0.86
N LEU B 280 -15.30 -5.97 -1.59
CA LEU B 280 -15.35 -7.37 -1.10
C LEU B 280 -14.22 -8.29 -1.55
N SER B 281 -13.57 -7.97 -2.69
CA SER B 281 -12.61 -8.87 -3.25
C SER B 281 -11.42 -9.24 -2.33
N PRO B 282 -11.00 -8.35 -1.44
CA PRO B 282 -9.75 -8.73 -0.78
C PRO B 282 -9.92 -9.99 0.10
N ALA B 283 -10.87 -9.93 1.03
CA ALA B 283 -11.08 -11.09 1.90
C ALA B 283 -11.55 -12.31 1.09
N GLN B 284 -12.28 -12.06 0.01
CA GLN B 284 -12.76 -13.16 -0.78
C GLN B 284 -11.63 -13.82 -1.58
N SER B 285 -10.54 -13.09 -1.83
CA SER B 285 -9.45 -13.63 -2.63
C SER B 285 -8.58 -14.56 -1.81
N ILE B 286 -8.79 -14.59 -0.51
CA ILE B 286 -7.92 -15.38 0.34
C ILE B 286 -8.23 -16.83 0.08
N GLY B 287 -7.19 -17.60 -0.23
CA GLY B 287 -7.38 -18.99 -0.56
C GLY B 287 -7.79 -19.23 -2.00
N THR B 288 -7.69 -18.20 -2.83
CA THR B 288 -7.71 -18.36 -4.27
C THR B 288 -6.30 -18.44 -4.83
N GLU B 289 -6.20 -18.60 -6.13
CA GLU B 289 -4.87 -18.43 -6.77
C GLU B 289 -4.28 -17.03 -6.71
N ILE B 290 -5.08 -16.00 -6.43
CA ILE B 290 -4.60 -14.66 -6.13
C ILE B 290 -4.08 -14.70 -4.68
N LYS B 291 -2.76 -14.73 -4.53
CA LYS B 291 -2.11 -14.91 -3.25
C LYS B 291 -1.79 -13.64 -2.46
N ALA B 292 -1.83 -12.46 -3.08
CA ALA B 292 -1.26 -11.27 -2.47
C ALA B 292 -1.90 -10.98 -1.09
N ILE B 293 -3.21 -11.09 -1.01
CA ILE B 293 -3.91 -10.62 0.24
C ILE B 293 -3.67 -11.61 1.37
N GLY B 294 -3.79 -12.90 1.06
CA GLY B 294 -3.45 -13.97 2.04
C GLY B 294 -2.03 -13.81 2.53
N ARG B 295 -1.10 -13.58 1.62
CA ARG B 295 0.29 -13.35 2.06
C ARG B 295 0.50 -12.15 2.96
N MET B 296 -0.13 -11.04 2.63
CA MET B 296 -0.05 -9.83 3.42
C MET B 296 -0.57 -10.11 4.81
N VAL B 297 -1.72 -10.78 4.90
CA VAL B 297 -2.35 -11.07 6.16
C VAL B 297 -1.44 -11.96 6.99
N ALA B 298 -0.94 -13.03 6.39
CA ALA B 298 -0.17 -14.02 7.12
C ALA B 298 1.19 -13.43 7.54
N GLY B 299 1.81 -12.66 6.64
CA GLY B 299 3.02 -11.91 6.96
C GLY B 299 2.82 -10.99 8.20
N PHE B 300 1.68 -10.27 8.26
CA PHE B 300 1.45 -9.37 9.41
C PHE B 300 1.31 -10.18 10.71
N VAL B 301 0.55 -11.28 10.62
CA VAL B 301 0.29 -12.13 11.79
C VAL B 301 1.62 -12.62 12.40
N ARG B 302 2.51 -13.13 11.57
CA ARG B 302 3.81 -13.61 12.02
C ARG B 302 4.64 -12.45 12.58
N ARG B 303 4.60 -11.26 11.94
CA ARG B 303 5.39 -10.11 12.46
C ARG B 303 4.99 -9.72 13.88
N VAL B 304 3.70 -9.64 14.13
CA VAL B 304 3.21 -9.10 15.39
C VAL B 304 3.14 -10.18 16.51
N THR B 305 3.39 -11.43 16.17
CA THR B 305 3.31 -12.53 17.15
C THR B 305 4.67 -13.25 17.41
N ARG B 306 5.74 -12.67 16.89
CA ARG B 306 7.11 -13.21 16.99
C ARG B 306 7.63 -13.33 18.40
C1 GOL C . -3.87 9.41 -9.45
O1 GOL C . -3.49 8.31 -10.24
C2 GOL C . -3.98 8.95 -8.02
O2 GOL C . -2.82 8.27 -7.43
C3 GOL C . -5.32 8.17 -7.95
O3 GOL C . -5.62 7.45 -9.13
C1 GOL D . 0.52 0.95 13.67
O1 GOL D . 0.93 -0.36 13.52
C2 GOL D . 0.59 1.55 12.30
O2 GOL D . -0.39 0.99 11.36
C3 GOL D . 2.02 1.26 11.82
O3 GOL D . 3.06 1.36 12.80
#